data_4ZJC
#
_entry.id   4ZJC
#
_cell.length_a   63.431
_cell.length_b   66.466
_cell.length_c   182.129
_cell.angle_alpha   90.00
_cell.angle_beta   90.00
_cell.angle_gamma   90.00
#
_symmetry.space_group_name_H-M   'P 21 21 21'
#
loop_
_entity.id
_entity.type
_entity.pdbx_description
1 polymer 'human OX1R fusion protein to P.abysii glycogen synthase'
2 non-polymer [5-(2-fluorophenyl)-2-methyl-1,3-thiazol-4-yl]{(2S)-2-[(5-phenyl-1,3,4-oxadiazol-2-yl)methyl]pyrrolidin-1-yl}methanone
3 non-polymer 'OLEIC ACID'
#
_entity_poly.entity_id   1
_entity_poly.type   'polypeptide(L)'
_entity_poly.pdbx_seq_one_letter_code
;DYKDDDDAMEPSATPGAQMGVPPGSREPSPVPPDYEDEFLRYLWRDYLYPKQYEWVLIAAYVAVFVVALVGNTLVCLAVW
RNHHMRTVTNYFIVNLSLADVLVTAICLPASLLVDITESWLFGHALCKVIPYLQAVSVSVAVLTLSFIALDRWYAICHPL
LFKSTARRARGSILGIWAVSLAIMVPQAAVMECSSVLPELANRTRLFSVCDERWADDLYPKIYHSCFFIVTYLAPLGLMA
MAYFQIFRKLWGRQGIDCSFWNESYLTGSRDERKKSLLSKFGMDEGVTFMFIGRFDRGQKGVDVLLKAIEILSSKKEFQE
MRFIIIGKGDPELEGWARSLEEKHGNVKVITEMLSREFVRELYGSVDFVIIPSYFEPFGLVALEAMCLGAIPIASAVGGL
RDIITNETGILVKAGDPGELANAILKALELSRSDLSKFRENCKKRAMSFSKQMRARRKTAKMLMVVLLVFALCYLPISVL
NILKRVFGMFRQASDREAVYACFTFSHWLVYANSAANPIIYNFLSGKFREQFKAAFSCCLPGLHHHHHHHHHH
;
_entity_poly.pdbx_strand_id   A
#
# COMPACT_ATOMS: atom_id res chain seq x y z
N ASP A 34 47.57 -0.91 39.62
CA ASP A 34 47.14 0.47 39.43
C ASP A 34 47.38 0.91 37.99
N TYR A 35 48.54 0.56 37.45
CA TYR A 35 48.94 0.99 36.12
C TYR A 35 48.82 -0.13 35.09
N GLU A 36 47.83 -1.00 35.27
CA GLU A 36 47.67 -2.17 34.41
C GLU A 36 47.11 -1.82 33.03
N ASP A 37 46.12 -0.93 33.00
CA ASP A 37 45.47 -0.55 31.75
C ASP A 37 46.47 0.09 30.78
N GLU A 38 47.21 1.07 31.26
CA GLU A 38 48.16 1.80 30.43
C GLU A 38 49.35 0.93 30.01
N PHE A 39 49.76 0.01 30.87
CA PHE A 39 50.89 -0.86 30.56
C PHE A 39 50.50 -1.92 29.53
N LEU A 40 49.30 -2.48 29.69
CA LEU A 40 48.79 -3.44 28.73
C LEU A 40 48.55 -2.77 27.38
N ARG A 41 48.12 -1.52 27.41
CA ARG A 41 48.00 -0.74 26.19
C ARG A 41 49.37 -0.47 25.58
N TYR A 42 50.37 -0.34 26.44
CA TYR A 42 51.74 -0.06 26.00
C TYR A 42 52.39 -1.26 25.33
N LEU A 43 52.06 -2.46 25.81
CA LEU A 43 52.65 -3.68 25.27
C LEU A 43 51.96 -4.16 24.01
N TRP A 44 50.71 -3.72 23.80
CA TRP A 44 49.90 -4.26 22.72
C TRP A 44 49.39 -3.22 21.73
N ARG A 45 50.02 -2.05 21.72
CA ARG A 45 49.56 -0.94 20.89
C ARG A 45 49.79 -1.18 19.40
N ASP A 46 50.72 -2.06 19.06
CA ASP A 46 51.05 -2.32 17.67
C ASP A 46 50.49 -3.67 17.21
N TYR A 47 49.78 -4.35 18.10
CA TYR A 47 49.23 -5.66 17.78
C TYR A 47 48.04 -5.53 16.84
N LEU A 48 48.25 -5.90 15.58
CA LEU A 48 47.17 -5.93 14.60
C LEU A 48 46.82 -7.36 14.26
N TYR A 49 45.53 -7.69 14.35
CA TYR A 49 45.06 -9.02 13.99
C TYR A 49 44.02 -8.90 12.87
N PRO A 50 44.49 -8.88 11.62
CA PRO A 50 43.62 -8.71 10.45
C PRO A 50 42.63 -9.84 10.26
N LYS A 51 41.36 -9.47 10.02
CA LYS A 51 40.30 -10.44 9.78
C LYS A 51 40.53 -11.17 8.46
N GLN A 52 40.24 -12.48 8.46
CA GLN A 52 40.37 -13.28 7.24
C GLN A 52 39.44 -12.77 6.15
N TYR A 53 38.19 -12.49 6.51
CA TYR A 53 37.19 -12.08 5.55
C TYR A 53 37.03 -10.57 5.51
N GLU A 54 38.09 -9.88 5.12
CA GLU A 54 38.04 -8.44 4.92
C GLU A 54 37.66 -8.11 3.48
N TRP A 55 38.19 -8.90 2.54
CA TRP A 55 37.96 -8.66 1.13
C TRP A 55 36.49 -8.88 0.76
N VAL A 56 35.79 -9.70 1.54
CA VAL A 56 34.37 -9.90 1.31
C VAL A 56 33.58 -8.69 1.81
N LEU A 57 34.14 -7.97 2.78
CA LEU A 57 33.49 -6.79 3.31
C LEU A 57 33.59 -5.67 2.28
N ILE A 58 34.84 -5.32 1.94
CA ILE A 58 35.13 -4.31 0.92
C ILE A 58 34.25 -4.48 -0.30
N ALA A 59 34.33 -5.65 -0.91
CA ALA A 59 33.53 -6.02 -2.07
C ALA A 59 32.07 -5.62 -1.84
N ALA A 60 31.50 -6.13 -0.75
CA ALA A 60 30.12 -5.82 -0.41
C ALA A 60 29.93 -4.31 -0.36
N TYR A 61 30.78 -3.66 0.42
CA TYR A 61 30.73 -2.21 0.56
C TYR A 61 30.83 -1.50 -0.78
N VAL A 62 31.61 -2.05 -1.70
CA VAL A 62 31.72 -1.46 -3.02
C VAL A 62 30.44 -1.72 -3.80
N ALA A 63 29.96 -2.96 -3.73
CA ALA A 63 28.73 -3.33 -4.43
C ALA A 63 27.62 -2.39 -4.02
N VAL A 64 27.22 -2.49 -2.76
CA VAL A 64 26.26 -1.58 -2.14
C VAL A 64 26.50 -0.13 -2.53
N PHE A 65 27.77 0.26 -2.64
CA PHE A 65 28.10 1.63 -3.05
C PHE A 65 27.53 1.90 -4.43
N VAL A 66 28.06 1.22 -5.45
CA VAL A 66 27.71 1.55 -6.83
C VAL A 66 26.22 1.34 -7.06
N VAL A 67 25.69 0.22 -6.59
CA VAL A 67 24.27 -0.08 -6.72
C VAL A 67 23.40 1.02 -6.11
N ALA A 68 23.86 1.59 -5.00
CA ALA A 68 23.08 2.64 -4.36
C ALA A 68 23.11 3.92 -5.17
N LEU A 69 24.25 4.18 -5.81
CA LEU A 69 24.38 5.39 -6.61
C LEU A 69 23.52 5.30 -7.85
N VAL A 70 24.00 4.56 -8.85
CA VAL A 70 23.30 4.41 -10.12
C VAL A 70 21.83 4.05 -9.92
N GLY A 71 21.55 3.30 -8.85
CA GLY A 71 20.18 2.98 -8.52
C GLY A 71 19.38 4.24 -8.21
N ASN A 72 19.73 4.90 -7.11
CA ASN A 72 18.93 6.02 -6.60
C ASN A 72 18.86 7.18 -7.59
N THR A 73 19.98 7.48 -8.23
CA THR A 73 20.00 8.49 -9.28
C THR A 73 18.96 8.16 -10.34
N LEU A 74 18.95 6.90 -10.77
CA LEU A 74 18.00 6.44 -11.78
C LEU A 74 16.56 6.65 -11.34
N VAL A 75 16.33 6.61 -10.03
CA VAL A 75 15.01 6.92 -9.50
C VAL A 75 14.71 8.39 -9.74
N CYS A 76 15.61 9.25 -9.25
CA CYS A 76 15.43 10.70 -9.33
C CYS A 76 15.11 11.14 -10.75
N LEU A 77 16.03 10.84 -11.67
CA LEU A 77 15.84 11.13 -13.09
C LEU A 77 14.46 10.68 -13.55
N ALA A 78 14.11 9.43 -13.23
CA ALA A 78 12.87 8.83 -13.70
C ALA A 78 11.65 9.65 -13.32
N VAL A 79 11.75 10.35 -12.19
CA VAL A 79 10.63 11.17 -11.72
C VAL A 79 10.74 12.57 -12.27
N TRP A 80 11.98 13.06 -12.40
CA TRP A 80 12.21 14.45 -12.79
C TRP A 80 11.94 14.70 -14.27
N ARG A 81 12.33 13.75 -15.11
CA ARG A 81 12.18 13.91 -16.56
C ARG A 81 10.73 13.86 -17.02
N ASN A 82 9.98 12.91 -16.47
CA ASN A 82 8.61 12.65 -16.95
C ASN A 82 7.53 13.40 -16.17
N HIS A 83 6.38 13.59 -16.80
CA HIS A 83 5.27 14.32 -16.20
C HIS A 83 4.31 13.37 -15.49
N HIS A 84 4.21 12.14 -16.00
CA HIS A 84 3.28 11.15 -15.44
C HIS A 84 3.85 10.52 -14.17
N MET A 85 5.11 10.79 -13.88
CA MET A 85 5.79 10.23 -12.72
C MET A 85 5.80 11.19 -11.55
N ARG A 86 5.20 12.37 -11.73
CA ARG A 86 5.23 13.40 -10.70
C ARG A 86 4.05 13.27 -9.73
N THR A 87 4.01 12.16 -9.02
CA THR A 87 3.03 11.93 -7.97
C THR A 87 3.64 12.33 -6.62
N VAL A 88 2.79 12.73 -5.68
CA VAL A 88 3.23 13.04 -4.32
C VAL A 88 4.05 11.88 -3.75
N THR A 89 3.53 10.67 -3.93
CA THR A 89 4.23 9.45 -3.52
C THR A 89 5.63 9.40 -4.10
N ASN A 90 5.74 9.68 -5.40
CA ASN A 90 7.02 9.64 -6.09
C ASN A 90 7.94 10.79 -5.70
N TYR A 91 7.36 11.93 -5.33
CA TYR A 91 8.17 13.04 -4.80
C TYR A 91 8.81 12.63 -3.48
N PHE A 92 8.02 11.97 -2.64
CA PHE A 92 8.53 11.42 -1.39
C PHE A 92 9.63 10.39 -1.66
N ILE A 93 9.37 9.50 -2.60
CA ILE A 93 10.36 8.50 -3.02
C ILE A 93 11.66 9.18 -3.45
N VAL A 94 11.53 10.30 -4.15
CA VAL A 94 12.69 11.08 -4.57
C VAL A 94 13.45 11.62 -3.36
N ASN A 95 12.73 12.16 -2.39
CA ASN A 95 13.37 12.63 -1.16
C ASN A 95 14.15 11.51 -0.47
N LEU A 96 13.53 10.34 -0.41
CA LEU A 96 14.15 9.15 0.14
C LEU A 96 15.44 8.80 -0.59
N SER A 97 15.39 8.83 -1.91
CA SER A 97 16.55 8.52 -2.74
C SER A 97 17.66 9.54 -2.57
N LEU A 98 17.29 10.80 -2.35
CA LEU A 98 18.28 11.85 -2.11
C LEU A 98 18.99 11.62 -0.79
N ALA A 99 18.21 11.27 0.23
CA ALA A 99 18.78 10.93 1.53
C ALA A 99 19.76 9.77 1.42
N ASP A 100 19.30 8.69 0.80
CA ASP A 100 20.13 7.50 0.62
C ASP A 100 21.38 7.79 -0.21
N VAL A 101 21.27 8.71 -1.16
CA VAL A 101 22.41 9.16 -1.95
C VAL A 101 23.42 9.87 -1.05
N LEU A 102 22.91 10.74 -0.19
CA LEU A 102 23.75 11.44 0.79
C LEU A 102 24.54 10.42 1.63
N VAL A 103 23.83 9.45 2.17
CA VAL A 103 24.45 8.38 2.96
C VAL A 103 25.53 7.66 2.17
N THR A 104 25.17 7.21 0.97
CA THR A 104 26.07 6.43 0.13
C THR A 104 27.35 7.19 -0.23
N ALA A 105 27.21 8.48 -0.51
CA ALA A 105 28.33 9.30 -0.92
C ALA A 105 29.25 9.65 0.24
N ILE A 106 28.68 10.12 1.34
CA ILE A 106 29.51 10.64 2.43
C ILE A 106 29.81 9.63 3.53
N CYS A 107 28.78 8.94 4.01
CA CYS A 107 28.92 8.10 5.20
C CYS A 107 29.46 6.70 4.94
N LEU A 108 29.16 6.13 3.77
CA LEU A 108 29.57 4.76 3.46
C LEU A 108 31.10 4.56 3.42
N PRO A 109 31.84 5.41 2.68
CA PRO A 109 33.29 5.16 2.62
C PRO A 109 33.97 5.32 3.99
N ALA A 110 33.53 6.31 4.76
CA ALA A 110 34.06 6.53 6.10
C ALA A 110 33.81 5.32 6.98
N SER A 111 32.60 4.78 6.90
CA SER A 111 32.22 3.61 7.68
C SER A 111 33.02 2.38 7.26
N LEU A 112 33.28 2.25 5.96
CA LEU A 112 34.10 1.15 5.46
C LEU A 112 35.51 1.24 6.04
N LEU A 113 36.10 2.42 5.93
CA LEU A 113 37.46 2.64 6.44
C LEU A 113 37.55 2.38 7.94
N VAL A 114 36.57 2.87 8.69
CA VAL A 114 36.56 2.68 10.14
C VAL A 114 36.39 1.20 10.50
N ASP A 115 35.48 0.52 9.81
CA ASP A 115 35.20 -0.88 10.10
C ASP A 115 36.35 -1.80 9.67
N ILE A 116 37.18 -1.35 8.74
CA ILE A 116 38.25 -2.20 8.22
C ILE A 116 39.61 -1.89 8.85
N THR A 117 39.78 -0.69 9.38
CA THR A 117 41.06 -0.31 9.98
C THR A 117 40.95 -0.01 11.47
N GLU A 118 39.72 0.07 11.97
CA GLU A 118 39.45 0.40 13.36
C GLU A 118 40.08 1.74 13.76
N SER A 119 40.05 2.70 12.83
CA SER A 119 40.63 4.01 13.07
C SER A 119 39.90 5.09 12.27
N TRP A 120 39.90 6.31 12.79
CA TRP A 120 39.31 7.44 12.09
C TRP A 120 40.37 8.20 11.30
N LEU A 121 40.30 8.09 9.97
CA LEU A 121 41.34 8.64 9.11
C LEU A 121 41.00 10.04 8.61
N PHE A 122 39.90 10.60 9.09
CA PHE A 122 39.48 11.93 8.66
C PHE A 122 39.72 12.96 9.75
N GLY A 123 39.44 14.22 9.45
CA GLY A 123 39.72 15.30 10.38
C GLY A 123 38.86 15.26 11.65
N HIS A 124 39.11 16.22 12.53
CA HIS A 124 38.33 16.34 13.76
C HIS A 124 36.95 16.88 13.45
N ALA A 125 36.85 17.68 12.39
CA ALA A 125 35.59 18.28 11.99
C ALA A 125 34.66 17.25 11.35
N LEU A 126 35.20 16.43 10.45
CA LEU A 126 34.41 15.40 9.80
C LEU A 126 33.98 14.33 10.80
N CYS A 127 34.70 14.24 11.91
CA CYS A 127 34.34 13.36 13.01
C CYS A 127 32.98 13.76 13.58
N LYS A 128 32.67 15.04 13.50
CA LYS A 128 31.37 15.54 13.92
C LYS A 128 30.38 15.55 12.77
N VAL A 129 30.85 15.95 11.59
CA VAL A 129 29.99 16.12 10.42
C VAL A 129 29.37 14.81 9.94
N ILE A 130 30.21 13.80 9.69
CA ILE A 130 29.74 12.56 9.08
C ILE A 130 28.71 11.77 9.92
N PRO A 131 28.98 11.54 11.22
CA PRO A 131 27.94 10.85 11.99
C PRO A 131 26.66 11.66 12.13
N TYR A 132 26.80 12.98 12.19
CA TYR A 132 25.66 13.87 12.21
C TYR A 132 24.79 13.65 10.98
N LEU A 133 25.42 13.70 9.81
CA LEU A 133 24.72 13.48 8.54
C LEU A 133 24.11 12.09 8.48
N GLN A 134 24.76 11.13 9.13
CA GLN A 134 24.21 9.77 9.24
C GLN A 134 22.86 9.80 9.96
N ALA A 135 22.87 10.37 11.17
CA ALA A 135 21.64 10.48 11.98
C ALA A 135 20.54 11.22 11.23
N VAL A 136 20.89 12.39 10.71
CA VAL A 136 19.94 13.22 9.95
C VAL A 136 19.34 12.43 8.78
N SER A 137 20.18 11.71 8.06
CA SER A 137 19.74 10.93 6.92
C SER A 137 18.73 9.85 7.34
N VAL A 138 19.05 9.12 8.40
CA VAL A 138 18.13 8.12 8.94
C VAL A 138 16.78 8.78 9.24
N SER A 139 16.82 9.89 9.96
CA SER A 139 15.62 10.64 10.30
C SER A 139 14.77 10.99 9.08
N VAL A 140 15.40 11.61 8.09
CA VAL A 140 14.73 12.01 6.86
C VAL A 140 14.08 10.83 6.16
N ALA A 141 14.81 9.71 6.08
CA ALA A 141 14.28 8.50 5.46
C ALA A 141 13.01 8.03 6.16
N VAL A 142 13.10 7.83 7.48
CA VAL A 142 11.97 7.32 8.25
C VAL A 142 10.76 8.23 8.14
N LEU A 143 10.98 9.53 8.34
CA LEU A 143 9.90 10.52 8.26
C LEU A 143 9.24 10.53 6.88
N THR A 144 10.05 10.39 5.84
CA THR A 144 9.54 10.34 4.47
C THR A 144 8.64 9.12 4.28
N LEU A 145 9.10 7.97 4.75
CA LEU A 145 8.27 6.77 4.71
C LEU A 145 6.96 6.98 5.46
N SER A 146 7.04 7.70 6.57
CA SER A 146 5.85 8.00 7.38
C SER A 146 4.85 8.88 6.63
N PHE A 147 5.36 9.85 5.88
CA PHE A 147 4.49 10.73 5.09
C PHE A 147 3.87 9.97 3.93
N ILE A 148 4.62 9.03 3.36
CA ILE A 148 4.07 8.14 2.34
C ILE A 148 2.91 7.34 2.91
N ALA A 149 3.14 6.71 4.05
CA ALA A 149 2.15 5.88 4.70
C ALA A 149 0.90 6.67 5.09
N LEU A 150 1.11 7.90 5.56
CA LEU A 150 -0.01 8.77 5.93
C LEU A 150 -0.81 9.16 4.69
N ASP A 151 -0.10 9.47 3.61
CA ASP A 151 -0.73 9.84 2.35
C ASP A 151 -1.62 8.71 1.84
N ARG A 152 -1.08 7.50 1.81
CA ARG A 152 -1.84 6.34 1.35
C ARG A 152 -2.96 5.99 2.31
N TRP A 153 -2.75 6.25 3.60
CA TRP A 153 -3.77 5.97 4.60
C TRP A 153 -4.98 6.88 4.40
N TYR A 154 -4.73 8.15 4.12
CA TYR A 154 -5.82 9.08 3.83
C TYR A 154 -6.46 8.75 2.48
N ALA A 155 -5.64 8.37 1.50
CA ALA A 155 -6.14 8.07 0.16
C ALA A 155 -7.07 6.86 0.15
N ILE A 156 -6.71 5.81 0.89
CA ILE A 156 -7.46 4.58 0.89
C ILE A 156 -8.56 4.56 1.95
N CYS A 157 -8.22 4.91 3.17
CA CYS A 157 -9.13 4.74 4.31
C CYS A 157 -10.04 5.95 4.55
N HIS A 158 -9.70 7.09 3.97
CA HIS A 158 -10.54 8.28 4.11
C HIS A 158 -10.55 9.13 2.84
N PRO A 159 -11.18 8.60 1.77
CA PRO A 159 -11.18 9.25 0.45
C PRO A 159 -11.69 10.68 0.47
N LEU A 160 -12.72 10.93 1.28
CA LEU A 160 -13.35 12.25 1.33
C LEU A 160 -12.42 13.32 1.90
N LEU A 161 -11.45 12.90 2.71
CA LEU A 161 -10.53 13.85 3.35
C LEU A 161 -9.20 13.91 2.63
N PHE A 162 -9.07 13.17 1.55
CA PHE A 162 -7.82 13.08 0.81
C PHE A 162 -7.46 14.39 0.10
N LYS A 163 -6.33 14.96 0.51
CA LYS A 163 -5.80 16.17 -0.12
C LYS A 163 -4.29 16.09 -0.22
N SER A 164 -3.77 15.88 -1.43
CA SER A 164 -2.34 15.78 -1.63
C SER A 164 -1.88 16.55 -2.86
N THR A 165 -1.73 17.86 -2.70
CA THR A 165 -1.17 18.69 -3.76
C THR A 165 0.34 18.58 -3.75
N ALA A 166 0.98 18.97 -4.85
CA ALA A 166 2.44 18.94 -4.93
C ALA A 166 3.04 19.97 -3.99
N ARG A 167 2.27 21.02 -3.71
CA ARG A 167 2.71 22.08 -2.80
C ARG A 167 2.81 21.58 -1.37
N ARG A 168 1.94 20.64 -1.01
CA ARG A 168 2.00 20.04 0.32
C ARG A 168 3.26 19.21 0.46
N ALA A 169 3.58 18.45 -0.58
CA ALA A 169 4.78 17.63 -0.60
C ALA A 169 6.03 18.51 -0.51
N ARG A 170 6.28 19.28 -1.57
CA ARG A 170 7.37 20.24 -1.56
C ARG A 170 7.04 21.38 -0.61
N GLY A 171 7.08 21.07 0.68
CA GLY A 171 6.69 22.00 1.73
C GLY A 171 6.62 21.25 3.04
N SER A 172 6.34 19.95 2.96
CA SER A 172 6.41 19.07 4.13
C SER A 172 7.74 18.35 4.13
N ILE A 173 8.30 18.16 2.94
CA ILE A 173 9.63 17.57 2.80
C ILE A 173 10.67 18.49 3.44
N LEU A 174 10.51 19.79 3.20
CA LEU A 174 11.37 20.80 3.81
C LEU A 174 11.22 20.77 5.33
N GLY A 175 10.01 20.48 5.79
CA GLY A 175 9.76 20.33 7.22
C GLY A 175 10.51 19.13 7.77
N ILE A 176 10.50 18.04 7.00
CA ILE A 176 11.22 16.83 7.36
C ILE A 176 12.71 17.10 7.51
N TRP A 177 13.30 17.73 6.50
CA TRP A 177 14.72 18.05 6.52
C TRP A 177 15.07 19.02 7.65
N ALA A 178 14.20 20.00 7.89
CA ALA A 178 14.42 20.99 8.94
C ALA A 178 14.44 20.32 10.31
N VAL A 179 13.39 19.58 10.62
CA VAL A 179 13.27 18.89 11.90
C VAL A 179 14.41 17.90 12.10
N SER A 180 14.74 17.15 11.04
CA SER A 180 15.84 16.19 11.10
C SER A 180 17.16 16.88 11.42
N LEU A 181 17.48 17.93 10.67
CA LEU A 181 18.70 18.70 10.89
C LEU A 181 18.76 19.29 12.29
N ALA A 182 17.61 19.70 12.81
CA ALA A 182 17.53 20.37 14.09
C ALA A 182 17.71 19.42 15.28
N ILE A 183 17.01 18.29 15.25
CA ILE A 183 17.01 17.38 16.40
C ILE A 183 18.25 16.51 16.49
N MET A 184 19.09 16.55 15.45
CA MET A 184 20.28 15.70 15.42
C MET A 184 21.55 16.45 15.78
N VAL A 185 21.40 17.70 16.23
CA VAL A 185 22.56 18.49 16.66
C VAL A 185 23.25 17.98 17.94
N PRO A 186 22.55 17.21 18.82
CA PRO A 186 23.38 16.67 19.90
C PRO A 186 24.39 15.64 19.39
N GLN A 187 24.02 14.90 18.36
CA GLN A 187 24.90 13.92 17.75
C GLN A 187 26.19 14.59 17.28
N ALA A 188 26.04 15.72 16.59
CA ALA A 188 27.20 16.49 16.13
C ALA A 188 27.96 17.06 17.32
N ALA A 189 27.23 17.43 18.37
CA ALA A 189 27.83 18.08 19.53
C ALA A 189 28.77 17.15 20.30
N VAL A 190 28.31 15.91 20.57
CA VAL A 190 29.05 15.01 21.43
C VAL A 190 30.14 14.22 20.73
N MET A 191 30.19 14.30 19.40
CA MET A 191 31.22 13.58 18.66
C MET A 191 32.60 14.16 18.92
N GLU A 192 33.51 13.30 19.35
CA GLU A 192 34.89 13.72 19.64
C GLU A 192 35.89 12.72 19.09
N CYS A 193 37.11 13.20 18.85
CA CYS A 193 38.16 12.41 18.24
C CYS A 193 39.15 11.91 19.29
N SER A 194 38.86 10.76 19.88
CA SER A 194 39.71 10.18 20.92
C SER A 194 41.00 9.61 20.34
N SER A 195 41.92 9.24 21.21
CA SER A 195 43.24 8.76 20.80
C SER A 195 43.83 7.77 21.80
N VAL A 196 43.79 8.15 23.07
CA VAL A 196 44.34 7.33 24.14
C VAL A 196 43.58 7.66 25.42
N LEU A 197 43.84 6.89 26.49
CA LEU A 197 43.19 7.12 27.77
C LEU A 197 43.35 8.55 28.27
N PRO A 198 42.26 9.16 28.75
CA PRO A 198 42.29 10.50 29.32
C PRO A 198 43.18 10.58 30.55
N GLU A 199 43.62 11.79 30.90
CA GLU A 199 44.45 12.00 32.08
C GLU A 199 45.74 11.19 32.03
N LEU A 200 46.32 11.09 30.83
CA LEU A 200 47.58 10.38 30.63
C LEU A 200 48.62 11.32 30.04
N ALA A 201 49.73 11.49 30.76
CA ALA A 201 50.77 12.43 30.36
C ALA A 201 51.38 12.06 29.00
N ASN A 202 51.40 10.77 28.69
CA ASN A 202 51.97 10.29 27.45
C ASN A 202 50.93 10.31 26.32
N ARG A 203 51.04 11.29 25.44
CA ARG A 203 50.07 11.49 24.37
C ARG A 203 50.40 10.67 23.12
N THR A 204 51.39 9.80 23.23
CA THR A 204 51.83 8.98 22.10
C THR A 204 50.71 8.04 21.61
N ARG A 205 50.64 7.85 20.30
CA ARG A 205 49.62 7.00 19.71
C ARG A 205 50.00 6.54 18.31
N LEU A 206 49.28 5.53 17.80
CA LEU A 206 49.43 5.10 16.42
C LEU A 206 48.27 5.64 15.59
N PHE A 207 47.06 5.53 16.13
CA PHE A 207 45.87 5.98 15.43
C PHE A 207 44.88 6.65 16.38
N SER A 208 43.87 7.29 15.81
CA SER A 208 42.82 7.94 16.58
C SER A 208 41.46 7.35 16.21
N VAL A 209 40.48 7.56 17.08
CA VAL A 209 39.12 7.09 16.80
C VAL A 209 38.11 8.21 16.95
N CYS A 210 36.87 7.94 16.56
CA CYS A 210 35.79 8.90 16.67
C CYS A 210 34.64 8.30 17.46
N ASP A 211 34.31 8.89 18.60
CA ASP A 211 33.24 8.34 19.43
C ASP A 211 32.49 9.43 20.20
N GLU A 212 31.46 9.03 20.93
CA GLU A 212 30.60 9.97 21.64
C GLU A 212 31.15 10.32 23.02
N ARG A 213 31.31 11.62 23.28
CA ARG A 213 31.80 12.10 24.56
C ARG A 213 30.75 12.95 25.25
N TRP A 214 30.18 12.41 26.33
CA TRP A 214 29.11 13.08 27.05
C TRP A 214 29.59 13.60 28.41
N ALA A 215 28.86 14.58 28.95
CA ALA A 215 29.15 15.11 30.27
C ALA A 215 28.74 14.13 31.36
N ASP A 216 27.45 13.85 31.43
CA ASP A 216 26.94 12.87 32.38
C ASP A 216 26.83 11.49 31.74
N ASP A 217 26.24 10.55 32.47
CA ASP A 217 26.08 9.18 31.97
C ASP A 217 24.61 8.86 31.71
N LEU A 218 23.72 9.69 32.24
CA LEU A 218 22.31 9.55 31.95
C LEU A 218 21.96 10.18 30.60
N TYR A 219 22.74 11.20 30.23
CA TYR A 219 22.56 11.88 28.94
C TYR A 219 22.64 10.92 27.73
N PRO A 220 23.66 10.03 27.68
CA PRO A 220 23.66 9.09 26.55
C PRO A 220 22.42 8.20 26.53
N LYS A 221 22.02 7.72 27.70
CA LYS A 221 20.86 6.84 27.82
C LYS A 221 19.59 7.54 27.33
N ILE A 222 19.41 8.80 27.73
CA ILE A 222 18.25 9.57 27.33
C ILE A 222 18.25 9.84 25.83
N TYR A 223 19.36 10.37 25.32
CA TYR A 223 19.45 10.72 23.91
C TYR A 223 19.28 9.51 23.00
N HIS A 224 19.81 8.36 23.41
CA HIS A 224 19.78 7.18 22.57
C HIS A 224 18.47 6.40 22.69
N SER A 225 17.86 6.44 23.87
CA SER A 225 16.52 5.87 24.03
C SER A 225 15.54 6.68 23.19
N CYS A 226 15.65 7.99 23.30
CA CYS A 226 14.80 8.89 22.51
C CYS A 226 15.09 8.75 21.01
N PHE A 227 16.35 8.47 20.68
CA PHE A 227 16.73 8.26 19.28
C PHE A 227 16.07 7.00 18.74
N PHE A 228 16.16 5.92 19.51
CA PHE A 228 15.58 4.64 19.12
C PHE A 228 14.07 4.75 18.97
N ILE A 229 13.42 5.43 19.93
CA ILE A 229 11.97 5.60 19.88
C ILE A 229 11.54 6.47 18.71
N VAL A 230 12.21 7.60 18.53
CA VAL A 230 11.84 8.57 17.51
C VAL A 230 12.09 8.06 16.08
N THR A 231 13.25 7.46 15.85
CA THR A 231 13.62 7.08 14.49
C THR A 231 13.29 5.64 14.11
N TYR A 232 12.68 4.89 15.03
CA TYR A 232 12.38 3.49 14.74
C TYR A 232 11.05 3.02 15.34
N LEU A 233 10.91 3.12 16.66
CA LEU A 233 9.73 2.60 17.35
C LEU A 233 8.43 3.23 16.88
N ALA A 234 8.29 4.52 17.18
CA ALA A 234 7.05 5.25 16.88
C ALA A 234 6.65 5.23 15.40
N PRO A 235 7.56 5.59 14.48
CA PRO A 235 7.09 5.69 13.10
C PRO A 235 6.76 4.33 12.49
N LEU A 236 7.56 3.31 12.79
CA LEU A 236 7.33 1.98 12.22
C LEU A 236 6.09 1.37 12.85
N GLY A 237 5.82 1.72 14.11
CA GLY A 237 4.60 1.29 14.76
C GLY A 237 3.38 1.91 14.09
N LEU A 238 3.38 3.23 13.99
CA LEU A 238 2.28 3.96 13.37
C LEU A 238 2.05 3.52 11.92
N MET A 239 3.14 3.31 11.20
CA MET A 239 3.07 2.88 9.80
C MET A 239 2.55 1.44 9.71
N ALA A 240 2.91 0.61 10.68
CA ALA A 240 2.39 -0.74 10.74
C ALA A 240 0.88 -0.70 10.91
N MET A 241 0.42 0.16 11.80
CA MET A 241 -1.01 0.34 12.04
C MET A 241 -1.73 0.83 10.78
N ALA A 242 -1.14 1.84 10.14
CA ALA A 242 -1.70 2.44 8.95
C ALA A 242 -1.84 1.43 7.81
N TYR A 243 -0.77 0.69 7.55
CA TYR A 243 -0.80 -0.31 6.49
C TYR A 243 -1.68 -1.49 6.87
N PHE A 244 -1.89 -1.69 8.17
CA PHE A 244 -2.84 -2.70 8.62
C PHE A 244 -4.25 -2.29 8.22
N GLN A 245 -4.61 -1.05 8.50
CA GLN A 245 -5.93 -0.55 8.11
C GLN A 245 -6.10 -0.53 6.59
N ILE A 246 -5.05 -0.12 5.88
CA ILE A 246 -5.06 -0.08 4.42
C ILE A 246 -5.29 -1.48 3.83
N PHE A 247 -4.51 -2.45 4.28
CA PHE A 247 -4.63 -3.80 3.78
C PHE A 247 -5.96 -4.44 4.15
N ARG A 248 -6.48 -4.08 5.32
CA ARG A 248 -7.79 -4.57 5.72
C ARG A 248 -8.87 -3.97 4.84
N LYS A 249 -8.64 -2.77 4.34
CA LYS A 249 -9.60 -2.11 3.46
C LYS A 249 -9.50 -2.65 2.03
N LEU A 250 -8.31 -3.09 1.63
CA LEU A 250 -8.08 -3.53 0.26
C LEU A 250 -8.20 -5.05 0.09
N TRP A 251 -8.40 -5.76 1.20
CA TRP A 251 -8.49 -7.22 1.15
C TRP A 251 -9.70 -7.69 0.36
N GLY A 252 -9.50 -8.70 -0.47
CA GLY A 252 -10.59 -9.30 -1.22
C GLY A 252 -11.06 -8.48 -2.40
N ARG A 253 -10.31 -7.42 -2.72
CA ARG A 253 -10.69 -6.53 -3.81
C ARG A 253 -9.64 -6.55 -4.91
N GLN A 254 -9.68 -7.58 -5.74
CA GLN A 254 -8.71 -7.75 -6.82
C GLN A 254 -9.31 -7.35 -8.17
N GLY A 255 -10.62 -7.10 -8.18
CA GLY A 255 -11.32 -6.75 -9.39
C GLY A 255 -11.98 -7.96 -10.03
N ILE A 256 -12.29 -7.86 -11.31
CA ILE A 256 -12.88 -8.99 -12.04
C ILE A 256 -12.12 -9.27 -13.32
N ASP A 257 -12.36 -10.46 -13.89
CA ASP A 257 -11.73 -10.84 -15.14
C ASP A 257 -12.48 -10.20 -16.31
N CYS A 258 -11.98 -9.07 -16.79
CA CYS A 258 -12.62 -8.34 -17.87
C CYS A 258 -12.42 -9.03 -19.22
N SER A 259 -11.71 -10.16 -19.20
CA SER A 259 -11.52 -10.98 -20.40
C SER A 259 -12.68 -11.94 -20.57
N PHE A 260 -13.28 -12.34 -19.45
CA PHE A 260 -14.46 -13.21 -19.48
C PHE A 260 -15.73 -12.38 -19.56
N TRP A 261 -15.95 -11.55 -18.54
CA TRP A 261 -17.12 -10.69 -18.50
C TRP A 261 -17.04 -9.64 -19.61
N ASN A 262 -17.32 -10.07 -20.83
CA ASN A 262 -17.15 -9.24 -22.01
C ASN A 262 -18.34 -9.42 -22.94
N GLU A 263 -18.86 -8.32 -23.46
CA GLU A 263 -20.01 -8.38 -24.37
C GLU A 263 -19.61 -8.99 -25.71
N SER A 264 -18.30 -9.03 -25.95
CA SER A 264 -17.76 -9.52 -27.22
C SER A 264 -18.06 -11.00 -27.47
N TYR A 265 -18.40 -11.73 -26.41
CA TYR A 265 -18.66 -13.16 -26.54
C TYR A 265 -20.15 -13.44 -26.70
N LEU A 266 -20.95 -12.38 -26.74
CA LEU A 266 -22.38 -12.48 -26.99
C LEU A 266 -22.67 -12.17 -28.45
N THR A 267 -23.66 -12.82 -29.03
CA THR A 267 -23.99 -12.64 -30.44
C THR A 267 -25.26 -11.82 -30.63
N GLY A 268 -25.46 -11.32 -31.84
CA GLY A 268 -26.65 -10.57 -32.19
C GLY A 268 -26.74 -9.22 -31.50
N SER A 269 -27.93 -8.62 -31.55
CA SER A 269 -28.17 -7.35 -30.86
C SER A 269 -28.70 -7.63 -29.45
N ARG A 270 -28.71 -6.61 -28.61
CA ARG A 270 -29.12 -6.79 -27.22
C ARG A 270 -30.61 -7.05 -27.08
N ASP A 271 -31.43 -6.27 -27.79
CA ASP A 271 -32.87 -6.42 -27.71
C ASP A 271 -33.34 -7.75 -28.30
N GLU A 272 -32.55 -8.29 -29.22
CA GLU A 272 -32.84 -9.61 -29.78
C GLU A 272 -32.52 -10.70 -28.75
N ARG A 273 -31.47 -10.47 -27.97
CA ARG A 273 -31.12 -11.39 -26.90
C ARG A 273 -32.15 -11.33 -25.78
N LYS A 274 -32.73 -10.14 -25.59
CA LYS A 274 -33.78 -9.97 -24.58
C LYS A 274 -35.05 -10.67 -25.03
N LYS A 275 -35.43 -10.44 -26.28
CA LYS A 275 -36.62 -11.06 -26.85
C LYS A 275 -36.49 -12.59 -26.83
N SER A 276 -35.30 -13.07 -27.20
CA SER A 276 -35.02 -14.50 -27.20
C SER A 276 -35.07 -15.07 -25.79
N LEU A 277 -34.45 -14.37 -24.84
CA LEU A 277 -34.42 -14.81 -23.45
C LEU A 277 -35.82 -14.93 -22.87
N LEU A 278 -36.61 -13.87 -23.05
CA LEU A 278 -37.98 -13.83 -22.55
C LEU A 278 -38.83 -14.90 -23.22
N SER A 279 -38.65 -15.07 -24.53
CA SER A 279 -39.39 -16.09 -25.27
C SER A 279 -39.05 -17.49 -24.77
N LYS A 280 -37.81 -17.68 -24.37
CA LYS A 280 -37.34 -18.97 -23.88
C LYS A 280 -37.97 -19.31 -22.54
N PHE A 281 -38.30 -18.29 -21.75
CA PHE A 281 -38.95 -18.48 -20.47
C PHE A 281 -40.48 -18.46 -20.61
N GLY A 282 -40.94 -18.24 -21.83
CA GLY A 282 -42.37 -18.20 -22.11
C GLY A 282 -43.00 -16.86 -21.76
N MET A 283 -42.30 -15.78 -22.10
CA MET A 283 -42.80 -14.44 -21.81
C MET A 283 -42.70 -13.54 -23.04
N ASP A 284 -43.60 -12.55 -23.11
CA ASP A 284 -43.54 -11.55 -24.18
C ASP A 284 -42.53 -10.46 -23.82
N GLU A 285 -42.19 -9.64 -24.79
CA GLU A 285 -41.15 -8.63 -24.60
C GLU A 285 -41.59 -7.53 -23.63
N GLY A 286 -40.69 -7.17 -22.72
CA GLY A 286 -40.95 -6.13 -21.75
C GLY A 286 -39.68 -5.78 -21.01
N VAL A 287 -39.72 -4.68 -20.24
CA VAL A 287 -38.55 -4.23 -19.50
C VAL A 287 -38.14 -5.27 -18.46
N THR A 288 -36.98 -5.88 -18.66
CA THR A 288 -36.56 -7.02 -17.86
C THR A 288 -35.65 -6.65 -16.70
N PHE A 289 -36.02 -7.15 -15.52
CA PHE A 289 -35.23 -6.97 -14.31
C PHE A 289 -34.74 -8.32 -13.82
N MET A 290 -33.49 -8.41 -13.40
CA MET A 290 -32.94 -9.68 -12.96
C MET A 290 -32.34 -9.59 -11.57
N PHE A 291 -32.52 -10.66 -10.80
CA PHE A 291 -31.86 -10.80 -9.51
C PHE A 291 -31.11 -12.13 -9.48
N ILE A 292 -29.95 -12.13 -8.85
CA ILE A 292 -29.19 -13.37 -8.72
C ILE A 292 -28.34 -13.34 -7.45
N GLY A 293 -28.56 -14.33 -6.59
CA GLY A 293 -27.88 -14.42 -5.32
C GLY A 293 -28.56 -15.41 -4.39
N ARG A 294 -27.85 -15.85 -3.36
CA ARG A 294 -28.40 -16.78 -2.39
C ARG A 294 -29.60 -16.15 -1.66
N PHE A 295 -30.58 -16.98 -1.34
CA PHE A 295 -31.81 -16.49 -0.72
C PHE A 295 -31.65 -16.32 0.78
N ASP A 296 -31.50 -15.07 1.22
CA ASP A 296 -31.26 -14.76 2.63
C ASP A 296 -32.34 -13.89 3.23
N ARG A 297 -32.55 -14.04 4.53
CA ARG A 297 -33.50 -13.21 5.26
C ARG A 297 -32.82 -11.94 5.79
N GLY A 298 -31.50 -11.86 5.65
CA GLY A 298 -30.77 -10.72 6.17
C GLY A 298 -29.43 -10.42 5.53
N GLN A 299 -29.27 -10.79 4.25
CA GLN A 299 -28.03 -10.49 3.54
C GLN A 299 -28.27 -10.02 2.11
N LYS A 300 -28.62 -10.94 1.23
CA LYS A 300 -28.80 -10.61 -0.19
C LYS A 300 -30.10 -9.86 -0.45
N GLY A 301 -31.01 -9.91 0.51
CA GLY A 301 -32.25 -9.15 0.44
C GLY A 301 -33.19 -9.57 -0.68
N VAL A 302 -33.29 -10.87 -0.94
CA VAL A 302 -34.25 -11.37 -1.91
C VAL A 302 -35.67 -11.19 -1.37
N ASP A 303 -35.78 -11.15 -0.05
CA ASP A 303 -37.07 -10.94 0.60
C ASP A 303 -37.59 -9.53 0.32
N VAL A 304 -36.69 -8.56 0.31
CA VAL A 304 -37.03 -7.18 -0.03
C VAL A 304 -37.55 -7.10 -1.46
N LEU A 305 -36.91 -7.86 -2.34
CA LEU A 305 -37.32 -7.91 -3.74
C LEU A 305 -38.71 -8.52 -3.90
N LEU A 306 -38.92 -9.67 -3.26
CA LEU A 306 -40.21 -10.35 -3.33
C LEU A 306 -41.32 -9.47 -2.80
N LYS A 307 -41.06 -8.82 -1.67
CA LYS A 307 -42.03 -7.89 -1.09
C LYS A 307 -42.29 -6.73 -2.05
N ALA A 308 -41.25 -6.30 -2.75
CA ALA A 308 -41.36 -5.20 -3.71
C ALA A 308 -42.23 -5.60 -4.89
N ILE A 309 -42.10 -6.85 -5.33
CA ILE A 309 -42.92 -7.36 -6.42
C ILE A 309 -44.38 -7.46 -5.96
N GLU A 310 -44.57 -7.88 -4.71
CA GLU A 310 -45.91 -7.89 -4.13
C GLU A 310 -46.52 -6.50 -4.11
N ILE A 311 -45.68 -5.50 -3.81
CA ILE A 311 -46.13 -4.11 -3.85
C ILE A 311 -46.50 -3.72 -5.28
N LEU A 312 -45.73 -4.21 -6.25
CA LEU A 312 -45.95 -3.87 -7.65
C LEU A 312 -47.05 -4.71 -8.30
N SER A 313 -47.64 -5.63 -7.54
CA SER A 313 -48.71 -6.49 -8.07
C SER A 313 -49.89 -5.67 -8.56
N SER A 314 -50.12 -4.51 -7.92
CA SER A 314 -51.13 -3.58 -8.40
C SER A 314 -50.52 -2.70 -9.49
N LYS A 315 -51.05 -1.47 -9.61
CA LYS A 315 -50.56 -0.48 -10.57
C LYS A 315 -50.75 -0.92 -12.03
N LYS A 316 -50.66 0.06 -12.93
CA LYS A 316 -50.83 -0.19 -14.35
C LYS A 316 -49.50 -0.42 -15.06
N GLU A 317 -48.42 -0.40 -14.29
CA GLU A 317 -47.08 -0.50 -14.86
C GLU A 317 -46.45 -1.88 -14.71
N PHE A 318 -47.14 -2.78 -14.02
CA PHE A 318 -46.59 -4.10 -13.71
C PHE A 318 -46.51 -5.01 -14.94
N GLN A 319 -47.42 -4.83 -15.88
CA GLN A 319 -47.47 -5.68 -17.07
C GLN A 319 -46.43 -5.26 -18.11
N GLU A 320 -45.80 -4.11 -17.87
CA GLU A 320 -44.72 -3.65 -18.75
C GLU A 320 -43.38 -4.15 -18.22
N MET A 321 -43.43 -4.97 -17.17
CA MET A 321 -42.23 -5.45 -16.51
C MET A 321 -42.10 -6.97 -16.57
N ARG A 322 -40.86 -7.44 -16.64
CA ARG A 322 -40.56 -8.87 -16.52
C ARG A 322 -39.56 -9.05 -15.38
N PHE A 323 -39.72 -10.11 -14.60
CA PHE A 323 -38.83 -10.35 -13.47
C PHE A 323 -38.21 -11.75 -13.52
N ILE A 324 -36.89 -11.80 -13.43
CA ILE A 324 -36.17 -13.06 -13.42
C ILE A 324 -35.41 -13.23 -12.11
N ILE A 325 -35.96 -14.05 -11.22
CA ILE A 325 -35.37 -14.28 -9.91
C ILE A 325 -34.57 -15.57 -9.87
N ILE A 326 -33.26 -15.45 -9.71
CA ILE A 326 -32.37 -16.61 -9.71
C ILE A 326 -31.61 -16.73 -8.39
N GLY A 327 -31.49 -17.96 -7.90
CA GLY A 327 -30.76 -18.22 -6.67
C GLY A 327 -31.27 -19.44 -5.93
N LYS A 328 -30.75 -19.66 -4.74
CA LYS A 328 -31.14 -20.79 -3.92
C LYS A 328 -30.74 -20.56 -2.46
N GLY A 329 -31.59 -20.98 -1.53
CA GLY A 329 -31.30 -20.80 -0.12
C GLY A 329 -32.39 -21.33 0.80
N ASP A 330 -33.04 -20.42 1.52
CA ASP A 330 -34.09 -20.80 2.47
C ASP A 330 -35.31 -21.38 1.75
N PRO A 331 -35.87 -22.46 2.28
CA PRO A 331 -37.07 -23.11 1.71
C PRO A 331 -38.27 -22.17 1.70
N GLU A 332 -38.38 -21.32 2.71
CA GLU A 332 -39.48 -20.37 2.82
C GLU A 332 -39.43 -19.35 1.68
N LEU A 333 -38.23 -18.83 1.42
CA LEU A 333 -38.05 -17.83 0.37
C LEU A 333 -38.26 -18.44 -1.01
N GLU A 334 -37.84 -19.70 -1.17
CA GLU A 334 -38.05 -20.40 -2.43
C GLU A 334 -39.54 -20.64 -2.66
N GLY A 335 -40.24 -20.99 -1.59
CA GLY A 335 -41.68 -21.17 -1.66
C GLY A 335 -42.38 -19.88 -2.04
N TRP A 336 -41.93 -18.79 -1.43
CA TRP A 336 -42.46 -17.46 -1.72
C TRP A 336 -42.28 -17.10 -3.20
N ALA A 337 -41.03 -17.24 -3.66
CA ALA A 337 -40.69 -16.91 -5.04
C ALA A 337 -41.45 -17.77 -6.04
N ARG A 338 -41.54 -19.07 -5.76
CA ARG A 338 -42.24 -20.00 -6.64
C ARG A 338 -43.74 -19.69 -6.68
N SER A 339 -44.30 -19.34 -5.53
CA SER A 339 -45.71 -18.98 -5.45
C SER A 339 -45.98 -17.72 -6.26
N LEU A 340 -45.03 -16.78 -6.22
CA LEU A 340 -45.15 -15.58 -7.04
C LEU A 340 -45.02 -15.90 -8.52
N GLU A 341 -44.17 -16.89 -8.84
CA GLU A 341 -43.99 -17.33 -10.22
C GLU A 341 -45.28 -17.92 -10.75
N GLU A 342 -45.97 -18.68 -9.90
CA GLU A 342 -47.25 -19.29 -10.27
C GLU A 342 -48.35 -18.24 -10.36
N LYS A 343 -48.25 -17.22 -9.51
CA LYS A 343 -49.25 -16.17 -9.47
C LYS A 343 -49.20 -15.26 -10.69
N HIS A 344 -48.00 -14.77 -11.02
CA HIS A 344 -47.82 -13.83 -12.11
C HIS A 344 -47.16 -14.47 -13.32
N GLY A 345 -47.68 -14.16 -14.49
CA GLY A 345 -47.15 -14.72 -15.74
C GLY A 345 -45.92 -13.99 -16.24
N ASN A 346 -45.51 -12.95 -15.52
CA ASN A 346 -44.34 -12.18 -15.91
C ASN A 346 -43.19 -12.30 -14.89
N VAL A 347 -43.22 -13.36 -14.10
CA VAL A 347 -42.17 -13.63 -13.14
C VAL A 347 -41.68 -15.07 -13.26
N LYS A 348 -40.37 -15.22 -13.49
CA LYS A 348 -39.75 -16.53 -13.65
C LYS A 348 -38.69 -16.77 -12.58
N VAL A 349 -38.82 -17.89 -11.86
CA VAL A 349 -37.88 -18.23 -10.80
C VAL A 349 -37.02 -19.43 -11.17
N ILE A 350 -35.71 -19.28 -11.03
CA ILE A 350 -34.75 -20.33 -11.38
C ILE A 350 -33.91 -20.76 -10.18
N THR A 351 -34.19 -21.96 -9.67
CA THR A 351 -33.38 -22.53 -8.60
C THR A 351 -32.33 -23.47 -9.19
N GLU A 352 -32.33 -23.55 -10.52
CA GLU A 352 -31.40 -24.40 -11.26
C GLU A 352 -29.97 -23.88 -11.20
N MET A 353 -29.01 -24.80 -11.11
CA MET A 353 -27.60 -24.43 -11.14
C MET A 353 -27.20 -23.98 -12.53
N LEU A 354 -26.63 -22.79 -12.65
CA LEU A 354 -26.30 -22.21 -13.94
C LEU A 354 -24.80 -22.17 -14.21
N SER A 355 -24.44 -21.90 -15.46
CA SER A 355 -23.04 -21.76 -15.85
C SER A 355 -22.65 -20.30 -15.89
N ARG A 356 -21.35 -20.03 -15.77
CA ARG A 356 -20.83 -18.66 -15.80
C ARG A 356 -21.13 -17.99 -17.14
N GLU A 357 -21.04 -18.77 -18.22
CA GLU A 357 -21.28 -18.25 -19.56
C GLU A 357 -22.73 -17.84 -19.73
N PHE A 358 -23.64 -18.63 -19.17
CA PHE A 358 -25.07 -18.33 -19.27
C PHE A 358 -25.42 -17.11 -18.42
N VAL A 359 -24.79 -16.99 -17.25
CA VAL A 359 -24.97 -15.82 -16.41
C VAL A 359 -24.49 -14.58 -17.15
N ARG A 360 -23.36 -14.73 -17.83
CA ARG A 360 -22.81 -13.67 -18.67
C ARG A 360 -23.82 -13.26 -19.74
N GLU A 361 -24.45 -14.24 -20.36
CA GLU A 361 -25.49 -13.98 -21.35
C GLU A 361 -26.66 -13.22 -20.74
N LEU A 362 -27.06 -13.63 -19.54
CA LEU A 362 -28.17 -12.99 -18.82
C LEU A 362 -27.87 -11.52 -18.56
N TYR A 363 -26.66 -11.23 -18.10
CA TYR A 363 -26.24 -9.85 -17.86
C TYR A 363 -26.23 -9.02 -19.13
N GLY A 364 -26.01 -9.68 -20.26
CA GLY A 364 -25.96 -8.98 -21.54
C GLY A 364 -27.24 -9.12 -22.35
N SER A 365 -28.33 -9.42 -21.66
CA SER A 365 -29.64 -9.54 -22.31
C SER A 365 -30.66 -8.66 -21.60
N VAL A 366 -30.74 -8.81 -20.28
CA VAL A 366 -31.68 -8.05 -19.46
C VAL A 366 -31.37 -6.56 -19.50
N ASP A 367 -32.32 -5.76 -19.04
CA ASP A 367 -32.15 -4.31 -19.02
C ASP A 367 -31.57 -3.83 -17.69
N PHE A 368 -32.12 -4.36 -16.59
CA PHE A 368 -31.67 -3.96 -15.26
C PHE A 368 -31.38 -5.15 -14.36
N VAL A 369 -30.40 -4.99 -13.48
CA VAL A 369 -30.09 -6.00 -12.47
C VAL A 369 -30.34 -5.43 -11.07
N ILE A 370 -31.14 -6.14 -10.29
CA ILE A 370 -31.49 -5.66 -8.95
C ILE A 370 -30.63 -6.32 -7.88
N ILE A 371 -29.92 -5.47 -7.13
CA ILE A 371 -29.05 -5.95 -6.06
C ILE A 371 -29.51 -5.37 -4.72
N PRO A 372 -30.53 -5.99 -4.11
CA PRO A 372 -31.14 -5.50 -2.88
C PRO A 372 -30.41 -5.98 -1.63
N SER A 373 -29.08 -5.96 -1.67
CA SER A 373 -28.27 -6.47 -0.58
C SER A 373 -28.42 -5.66 0.71
N TYR A 374 -28.03 -6.25 1.83
CA TYR A 374 -28.12 -5.59 3.12
C TYR A 374 -26.78 -4.99 3.55
N PHE A 375 -25.68 -5.71 3.29
CA PHE A 375 -24.37 -5.26 3.77
C PHE A 375 -23.23 -5.51 2.77
N GLU A 376 -23.61 -5.87 1.54
CA GLU A 376 -22.67 -6.16 0.44
C GLU A 376 -21.35 -5.39 0.48
N PRO A 377 -20.25 -6.07 0.84
CA PRO A 377 -18.95 -5.41 1.00
C PRO A 377 -18.14 -5.31 -0.29
N PHE A 378 -18.42 -6.16 -1.28
CA PHE A 378 -17.61 -6.17 -2.50
C PHE A 378 -18.38 -5.78 -3.75
N GLY A 379 -19.59 -6.32 -3.90
CA GLY A 379 -20.47 -5.97 -5.01
C GLY A 379 -19.92 -6.31 -6.39
N LEU A 380 -19.54 -7.57 -6.58
CA LEU A 380 -18.97 -8.00 -7.85
C LEU A 380 -20.04 -8.17 -8.94
N VAL A 381 -21.25 -8.52 -8.52
CA VAL A 381 -22.38 -8.65 -9.44
C VAL A 381 -22.61 -7.34 -10.17
N ALA A 382 -22.50 -6.23 -9.45
CA ALA A 382 -22.62 -4.90 -10.04
C ALA A 382 -21.58 -4.70 -11.14
N LEU A 383 -20.32 -4.96 -10.84
CA LEU A 383 -19.23 -4.81 -11.80
C LEU A 383 -19.43 -5.66 -13.05
N GLU A 384 -19.74 -6.93 -12.85
CA GLU A 384 -19.93 -7.86 -13.97
C GLU A 384 -21.11 -7.47 -14.85
N ALA A 385 -22.25 -7.22 -14.22
CA ALA A 385 -23.46 -6.78 -14.93
C ALA A 385 -23.18 -5.51 -15.73
N MET A 386 -22.57 -4.52 -15.09
CA MET A 386 -22.23 -3.26 -15.75
C MET A 386 -21.27 -3.47 -16.91
N CYS A 387 -20.35 -4.40 -16.76
CA CYS A 387 -19.44 -4.75 -17.84
C CYS A 387 -20.20 -5.34 -19.02
N LEU A 388 -21.30 -6.05 -18.73
CA LEU A 388 -22.09 -6.63 -19.80
C LEU A 388 -23.29 -5.77 -20.21
N GLY A 389 -23.26 -4.50 -19.82
CA GLY A 389 -24.28 -3.55 -20.27
C GLY A 389 -25.51 -3.45 -19.40
N ALA A 390 -25.63 -4.34 -18.44
CA ALA A 390 -26.77 -4.32 -17.53
C ALA A 390 -26.69 -3.14 -16.57
N ILE A 391 -27.81 -2.43 -16.39
CA ILE A 391 -27.86 -1.28 -15.50
C ILE A 391 -28.30 -1.70 -14.11
N PRO A 392 -27.44 -1.47 -13.10
CA PRO A 392 -27.70 -1.93 -11.74
C PRO A 392 -28.70 -1.07 -10.96
N ILE A 393 -29.58 -1.74 -10.23
CA ILE A 393 -30.43 -1.09 -9.25
C ILE A 393 -30.13 -1.71 -7.88
N ALA A 394 -29.28 -1.04 -7.11
CA ALA A 394 -28.72 -1.66 -5.92
C ALA A 394 -28.90 -0.82 -4.66
N SER A 395 -28.97 -1.51 -3.52
CA SER A 395 -29.02 -0.83 -2.23
C SER A 395 -27.72 -0.09 -1.97
N ALA A 396 -27.82 1.20 -1.67
CA ALA A 396 -26.65 2.04 -1.45
C ALA A 396 -25.91 1.65 -0.18
N VAL A 397 -25.33 0.46 -0.17
CA VAL A 397 -24.54 -0.02 0.97
C VAL A 397 -23.21 -0.60 0.52
N GLY A 398 -22.23 -0.59 1.42
CA GLY A 398 -20.94 -1.20 1.19
C GLY A 398 -20.21 -0.75 -0.06
N GLY A 399 -19.81 -1.70 -0.88
CA GLY A 399 -19.05 -1.42 -2.09
C GLY A 399 -19.92 -0.91 -3.23
N LEU A 400 -21.22 -1.13 -3.13
CA LEU A 400 -22.16 -0.69 -4.16
C LEU A 400 -22.18 0.83 -4.30
N ARG A 401 -22.04 1.52 -3.17
CA ARG A 401 -21.97 2.98 -3.18
C ARG A 401 -20.74 3.45 -3.94
N ASP A 402 -19.62 2.77 -3.71
CA ASP A 402 -18.36 3.11 -4.36
C ASP A 402 -18.43 2.87 -5.86
N ILE A 403 -18.97 1.71 -6.24
CA ILE A 403 -19.04 1.33 -7.64
C ILE A 403 -20.06 2.16 -8.41
N ILE A 404 -21.30 2.19 -7.92
CA ILE A 404 -22.39 2.86 -8.61
C ILE A 404 -22.45 4.35 -8.29
N THR A 405 -22.46 5.17 -9.33
CA THR A 405 -22.58 6.61 -9.18
C THR A 405 -23.86 7.10 -9.85
N ASN A 406 -23.91 8.40 -10.13
CA ASN A 406 -24.96 8.93 -10.98
C ASN A 406 -24.60 8.64 -12.44
N GLU A 407 -25.63 8.56 -13.29
CA GLU A 407 -25.47 8.21 -14.71
C GLU A 407 -24.92 6.80 -14.93
N THR A 408 -24.74 6.03 -13.86
CA THR A 408 -24.24 4.66 -14.00
C THR A 408 -25.08 3.67 -13.18
N GLY A 409 -26.27 4.08 -12.79
CA GLY A 409 -27.16 3.19 -12.06
C GLY A 409 -28.11 3.88 -11.10
N ILE A 410 -28.96 3.10 -10.45
CA ILE A 410 -29.94 3.62 -9.50
C ILE A 410 -29.66 3.09 -8.09
N LEU A 411 -29.61 4.00 -7.13
CA LEU A 411 -29.29 3.61 -5.75
C LEU A 411 -30.49 3.76 -4.81
N VAL A 412 -30.64 2.78 -3.92
CA VAL A 412 -31.83 2.67 -3.07
C VAL A 412 -31.47 2.50 -1.60
N LYS A 413 -32.31 3.02 -0.71
CA LYS A 413 -32.19 2.74 0.72
C LYS A 413 -32.39 1.25 0.98
N ALA A 414 -31.44 0.65 1.68
CA ALA A 414 -31.49 -0.80 1.92
C ALA A 414 -32.57 -1.17 2.93
N GLY A 415 -33.16 -2.35 2.73
CA GLY A 415 -34.17 -2.86 3.64
C GLY A 415 -35.49 -2.12 3.53
N ASP A 416 -35.72 -1.49 2.38
CA ASP A 416 -36.96 -0.74 2.15
C ASP A 416 -37.56 -1.10 0.80
N PRO A 417 -38.55 -2.01 0.80
CA PRO A 417 -39.23 -2.47 -0.41
C PRO A 417 -39.92 -1.34 -1.18
N GLY A 418 -40.37 -0.32 -0.48
CA GLY A 418 -41.06 0.81 -1.11
C GLY A 418 -40.17 1.61 -2.04
N GLU A 419 -39.03 2.05 -1.52
CA GLU A 419 -38.09 2.84 -2.32
C GLU A 419 -37.50 1.99 -3.46
N LEU A 420 -37.41 0.68 -3.22
CA LEU A 420 -36.97 -0.25 -4.24
C LEU A 420 -37.98 -0.29 -5.39
N ALA A 421 -39.26 -0.40 -5.02
CA ALA A 421 -40.34 -0.41 -6.00
C ALA A 421 -40.34 0.89 -6.81
N ASN A 422 -40.14 2.01 -6.11
CA ASN A 422 -40.06 3.31 -6.77
C ASN A 422 -38.89 3.38 -7.75
N ALA A 423 -37.75 2.83 -7.35
CA ALA A 423 -36.58 2.78 -8.22
C ALA A 423 -36.87 1.93 -9.47
N ILE A 424 -37.60 0.85 -9.28
CA ILE A 424 -37.99 -0.02 -10.40
C ILE A 424 -38.90 0.74 -11.35
N LEU A 425 -39.85 1.49 -10.80
CA LEU A 425 -40.74 2.32 -11.60
C LEU A 425 -39.94 3.35 -12.41
N LYS A 426 -38.95 3.97 -11.78
CA LYS A 426 -38.10 4.92 -12.48
C LYS A 426 -37.34 4.23 -13.61
N ALA A 427 -36.85 3.02 -13.34
CA ALA A 427 -36.16 2.24 -14.36
C ALA A 427 -37.08 1.98 -15.55
N LEU A 428 -38.35 1.74 -15.27
CA LEU A 428 -39.35 1.57 -16.32
C LEU A 428 -39.52 2.86 -17.11
N GLU A 429 -39.51 3.99 -16.41
CA GLU A 429 -39.70 5.28 -17.08
C GLU A 429 -38.46 5.72 -17.86
N LEU A 430 -37.32 5.09 -17.58
CA LEU A 430 -36.08 5.38 -18.29
C LEU A 430 -35.96 4.53 -19.55
N SER A 431 -36.62 3.37 -19.53
CA SER A 431 -36.55 2.43 -20.64
C SER A 431 -37.36 2.91 -21.84
N ARG A 432 -37.98 4.07 -21.72
CA ARG A 432 -38.72 4.68 -22.82
C ARG A 432 -37.78 5.56 -23.64
N SER A 433 -36.49 5.48 -23.33
CA SER A 433 -35.46 6.20 -24.07
C SER A 433 -34.42 5.21 -24.61
N ASP A 434 -33.38 5.75 -25.24
CA ASP A 434 -32.39 4.92 -25.93
C ASP A 434 -31.59 4.01 -25.00
N LEU A 435 -31.16 4.56 -23.87
CA LEU A 435 -30.43 3.81 -22.84
C LEU A 435 -29.08 3.25 -23.27
N SER A 436 -28.62 3.59 -24.47
CA SER A 436 -27.36 3.05 -24.98
C SER A 436 -26.15 3.67 -24.27
N LYS A 437 -26.11 5.00 -24.25
CA LYS A 437 -25.00 5.72 -23.62
C LYS A 437 -24.94 5.46 -22.12
N PHE A 438 -26.10 5.14 -21.53
CA PHE A 438 -26.16 4.79 -20.12
C PHE A 438 -25.39 3.49 -19.88
N ARG A 439 -25.70 2.47 -20.68
CA ARG A 439 -25.02 1.18 -20.56
C ARG A 439 -23.53 1.31 -20.84
N GLU A 440 -23.19 2.14 -21.83
CA GLU A 440 -21.79 2.39 -22.13
C GLU A 440 -21.07 3.02 -20.93
N ASN A 441 -21.75 3.96 -20.29
CA ASN A 441 -21.24 4.59 -19.07
C ASN A 441 -21.04 3.56 -17.97
N CYS A 442 -21.95 2.60 -17.88
CA CYS A 442 -21.83 1.52 -16.91
C CYS A 442 -20.57 0.71 -17.17
N LYS A 443 -20.37 0.32 -18.44
CA LYS A 443 -19.17 -0.42 -18.83
C LYS A 443 -17.89 0.33 -18.44
N LYS A 444 -17.78 1.57 -18.89
CA LYS A 444 -16.60 2.39 -18.58
C LYS A 444 -16.36 2.50 -17.08
N ARG A 445 -17.44 2.73 -16.33
CA ARG A 445 -17.36 2.86 -14.87
C ARG A 445 -16.81 1.60 -14.22
N ALA A 446 -17.40 0.46 -14.55
CA ALA A 446 -16.96 -0.81 -13.95
C ALA A 446 -15.50 -1.10 -14.28
N MET A 447 -15.14 -0.95 -15.55
CA MET A 447 -13.77 -1.20 -15.98
C MET A 447 -12.76 -0.31 -15.24
N SER A 448 -13.01 0.99 -15.26
CA SER A 448 -12.10 1.93 -14.62
C SER A 448 -11.98 1.68 -13.11
N PHE A 449 -13.11 1.34 -12.48
CA PHE A 449 -13.13 1.03 -11.06
C PHE A 449 -12.23 -0.17 -10.76
N SER A 450 -12.44 -1.26 -11.49
CA SER A 450 -11.64 -2.47 -11.32
C SER A 450 -10.15 -2.19 -11.47
N LYS A 451 -9.80 -1.49 -12.56
CA LYS A 451 -8.41 -1.15 -12.81
C LYS A 451 -7.80 -0.31 -11.68
N GLN A 452 -8.57 0.66 -11.18
CA GLN A 452 -8.09 1.50 -10.09
C GLN A 452 -7.81 0.66 -8.84
N MET A 453 -8.72 -0.24 -8.51
CA MET A 453 -8.53 -1.07 -7.32
C MET A 453 -7.31 -1.98 -7.47
N ARG A 454 -7.07 -2.46 -8.69
CA ARG A 454 -5.90 -3.31 -8.94
C ARG A 454 -4.60 -2.53 -8.76
N ALA A 455 -4.53 -1.35 -9.39
CA ALA A 455 -3.37 -0.48 -9.27
C ALA A 455 -3.09 -0.13 -7.80
N ARG A 456 -4.18 0.14 -7.08
CA ARG A 456 -4.11 0.43 -5.64
C ARG A 456 -3.44 -0.72 -4.89
N ARG A 457 -3.93 -1.93 -5.15
CA ARG A 457 -3.37 -3.14 -4.56
C ARG A 457 -1.86 -3.20 -4.81
N LYS A 458 -1.47 -2.97 -6.06
CA LYS A 458 -0.05 -3.03 -6.43
C LYS A 458 0.82 -2.02 -5.67
N THR A 459 0.43 -0.75 -5.72
CA THR A 459 1.24 0.29 -5.07
C THR A 459 1.34 0.06 -3.56
N ALA A 460 0.22 -0.33 -2.95
CA ALA A 460 0.21 -0.65 -1.53
C ALA A 460 1.20 -1.77 -1.23
N LYS A 461 1.18 -2.81 -2.06
CA LYS A 461 2.11 -3.92 -1.94
C LYS A 461 3.56 -3.43 -1.95
N MET A 462 3.90 -2.62 -2.95
CA MET A 462 5.26 -2.10 -3.09
C MET A 462 5.70 -1.32 -1.85
N LEU A 463 4.87 -0.37 -1.42
CA LEU A 463 5.21 0.46 -0.27
C LEU A 463 5.39 -0.39 0.98
N MET A 464 4.54 -1.38 1.16
CA MET A 464 4.68 -2.29 2.29
C MET A 464 6.01 -3.02 2.26
N VAL A 465 6.39 -3.50 1.07
CA VAL A 465 7.67 -4.18 0.92
C VAL A 465 8.84 -3.26 1.29
N VAL A 466 8.80 -2.03 0.78
CA VAL A 466 9.84 -1.04 1.08
C VAL A 466 9.96 -0.82 2.60
N LEU A 467 8.82 -0.59 3.25
CA LEU A 467 8.82 -0.40 4.70
C LEU A 467 9.41 -1.60 5.44
N LEU A 468 8.98 -2.80 5.04
CA LEU A 468 9.44 -4.04 5.65
C LEU A 468 10.95 -4.20 5.56
N VAL A 469 11.48 -4.06 4.34
CA VAL A 469 12.91 -4.13 4.09
C VAL A 469 13.65 -3.10 4.94
N PHE A 470 13.09 -1.90 5.02
CA PHE A 470 13.68 -0.84 5.85
C PHE A 470 13.81 -1.29 7.31
N ALA A 471 12.70 -1.77 7.87
CA ALA A 471 12.66 -2.22 9.25
C ALA A 471 13.71 -3.30 9.51
N LEU A 472 13.72 -4.31 8.65
CA LEU A 472 14.69 -5.40 8.77
C LEU A 472 16.13 -4.90 8.72
N CYS A 473 16.40 -3.97 7.79
CA CYS A 473 17.74 -3.44 7.61
C CYS A 473 18.23 -2.63 8.82
N TYR A 474 17.36 -1.79 9.37
CA TYR A 474 17.77 -0.93 10.48
C TYR A 474 17.54 -1.55 11.85
N LEU A 475 17.03 -2.79 11.88
CA LEU A 475 16.80 -3.47 13.16
C LEU A 475 18.07 -3.81 13.96
N PRO A 476 19.03 -4.56 13.35
CA PRO A 476 20.16 -5.03 14.16
C PRO A 476 21.00 -3.90 14.74
N ILE A 477 21.25 -2.86 13.95
CA ILE A 477 22.03 -1.74 14.42
C ILE A 477 21.29 -0.99 15.51
N SER A 478 19.96 -1.06 15.49
CA SER A 478 19.14 -0.37 16.47
C SER A 478 19.14 -1.09 17.81
N VAL A 479 18.99 -2.41 17.78
CA VAL A 479 19.05 -3.17 19.02
C VAL A 479 20.47 -3.11 19.61
N LEU A 480 21.47 -3.25 18.74
CA LEU A 480 22.86 -3.15 19.19
C LEU A 480 23.17 -1.77 19.78
N ASN A 481 22.62 -0.73 19.15
CA ASN A 481 22.83 0.64 19.62
C ASN A 481 22.17 0.88 20.96
N ILE A 482 20.91 0.43 21.09
CA ILE A 482 20.15 0.65 22.31
C ILE A 482 20.69 -0.20 23.46
N LEU A 483 21.40 -1.28 23.12
CA LEU A 483 22.08 -2.07 24.13
C LEU A 483 23.36 -1.38 24.57
N LYS A 484 24.17 -0.99 23.59
CA LYS A 484 25.48 -0.39 23.84
C LYS A 484 25.40 0.93 24.59
N ARG A 485 24.40 1.74 24.26
CA ARG A 485 24.34 3.11 24.76
C ARG A 485 23.46 3.32 25.99
N VAL A 486 22.63 2.33 26.32
CA VAL A 486 21.74 2.46 27.47
C VAL A 486 21.89 1.29 28.44
N PHE A 487 21.37 0.13 28.05
CA PHE A 487 21.41 -1.05 28.90
C PHE A 487 22.77 -1.73 28.87
N GLY A 488 23.68 -1.24 29.69
CA GLY A 488 25.03 -1.77 29.73
C GLY A 488 25.77 -1.47 28.45
N MET A 489 26.71 -2.34 28.09
CA MET A 489 27.50 -2.17 26.87
C MET A 489 28.32 -3.44 26.58
N PHE A 490 28.89 -3.49 25.38
CA PHE A 490 29.87 -4.49 25.01
C PHE A 490 31.25 -3.88 25.20
N ARG A 491 31.87 -4.12 26.36
CA ARG A 491 33.09 -3.41 26.71
C ARG A 491 34.07 -4.21 27.55
N GLN A 492 33.59 -5.30 28.15
CA GLN A 492 34.39 -6.04 29.11
C GLN A 492 35.16 -7.20 28.49
N ALA A 493 36.47 -7.20 28.69
CA ALA A 493 37.36 -8.30 28.32
C ALA A 493 37.25 -8.71 26.84
N SER A 494 37.38 -10.01 26.60
CA SER A 494 37.36 -10.55 25.24
C SER A 494 35.95 -10.79 24.74
N ASP A 495 35.08 -9.80 24.93
CA ASP A 495 33.72 -9.85 24.43
C ASP A 495 33.57 -8.87 23.28
N ARG A 496 34.70 -8.49 22.68
CA ARG A 496 34.71 -7.44 21.66
C ARG A 496 34.95 -7.97 20.25
N GLU A 497 35.86 -8.92 20.11
CA GLU A 497 36.29 -9.38 18.78
C GLU A 497 35.28 -10.35 18.14
N ALA A 498 34.09 -10.45 18.73
CA ALA A 498 32.97 -11.14 18.11
C ALA A 498 31.84 -10.14 17.93
N VAL A 499 31.78 -9.20 18.86
CA VAL A 499 30.84 -8.08 18.81
C VAL A 499 31.17 -7.18 17.61
N TYR A 500 32.47 -7.05 17.35
CA TYR A 500 32.98 -6.28 16.22
C TYR A 500 32.36 -6.73 14.90
N ALA A 501 32.32 -8.04 14.69
CA ALA A 501 31.78 -8.62 13.46
C ALA A 501 30.31 -8.27 13.27
N CYS A 502 29.51 -8.50 14.31
CA CYS A 502 28.08 -8.20 14.26
C CYS A 502 27.83 -6.71 14.02
N PHE A 503 28.67 -5.87 14.62
CA PHE A 503 28.55 -4.44 14.43
C PHE A 503 28.84 -4.03 12.99
N THR A 504 29.94 -4.55 12.44
CA THR A 504 30.29 -4.24 11.05
C THR A 504 29.20 -4.72 10.09
N PHE A 505 28.65 -5.89 10.38
CA PHE A 505 27.57 -6.44 9.56
C PHE A 505 26.34 -5.56 9.62
N SER A 506 26.00 -5.10 10.83
CA SER A 506 24.86 -4.21 11.02
C SER A 506 25.04 -2.91 10.24
N HIS A 507 26.22 -2.32 10.33
CA HIS A 507 26.55 -1.11 9.58
C HIS A 507 26.35 -1.35 8.08
N TRP A 508 26.99 -2.39 7.56
CA TRP A 508 26.86 -2.72 6.15
C TRP A 508 25.40 -2.89 5.74
N LEU A 509 24.59 -3.47 6.62
CA LEU A 509 23.17 -3.66 6.35
C LEU A 509 22.48 -2.30 6.19
N VAL A 510 22.76 -1.42 7.16
CA VAL A 510 22.25 -0.06 7.13
C VAL A 510 22.52 0.60 5.79
N TYR A 511 23.76 0.50 5.31
CA TYR A 511 24.09 1.10 4.02
C TYR A 511 23.49 0.32 2.84
N ALA A 512 23.20 -0.96 3.07
CA ALA A 512 22.68 -1.83 2.03
C ALA A 512 21.23 -1.51 1.70
N ASN A 513 20.48 -1.02 2.69
CA ASN A 513 19.11 -0.57 2.45
C ASN A 513 18.99 0.42 1.29
N SER A 514 19.94 1.36 1.25
CA SER A 514 20.01 2.40 0.22
C SER A 514 20.08 1.79 -1.18
N ALA A 515 20.76 0.65 -1.29
CA ALA A 515 20.84 -0.07 -2.55
C ALA A 515 19.62 -0.94 -2.74
N ALA A 516 18.93 -1.24 -1.64
CA ALA A 516 17.79 -2.14 -1.67
C ALA A 516 16.55 -1.46 -2.27
N ASN A 517 16.28 -0.22 -1.89
CA ASN A 517 15.08 0.47 -2.36
C ASN A 517 14.89 0.53 -3.90
N PRO A 518 15.93 0.96 -4.66
CA PRO A 518 15.73 1.05 -6.11
C PRO A 518 15.42 -0.28 -6.79
N ILE A 519 15.97 -1.36 -6.26
CA ILE A 519 15.71 -2.69 -6.79
C ILE A 519 14.24 -3.06 -6.56
N ILE A 520 13.75 -2.77 -5.37
CA ILE A 520 12.35 -2.97 -5.03
C ILE A 520 11.45 -2.21 -6.00
N TYR A 521 11.79 -0.94 -6.23
CA TYR A 521 11.06 -0.13 -7.21
C TYR A 521 11.09 -0.80 -8.58
N ASN A 522 12.23 -1.37 -8.93
CA ASN A 522 12.40 -2.02 -10.23
C ASN A 522 11.58 -3.29 -10.38
N PHE A 523 11.29 -3.96 -9.27
CA PHE A 523 10.56 -5.23 -9.35
C PHE A 523 9.09 -5.13 -8.99
N LEU A 524 8.66 -4.01 -8.42
CA LEU A 524 7.26 -3.90 -7.99
C LEU A 524 6.52 -2.67 -8.53
N SER A 525 7.16 -1.91 -9.40
CA SER A 525 6.53 -0.73 -9.98
C SER A 525 6.78 -0.61 -11.47
N GLY A 526 5.77 -0.96 -12.26
CA GLY A 526 5.89 -1.00 -13.72
C GLY A 526 6.45 0.25 -14.38
N LYS A 527 6.01 1.41 -13.92
CA LYS A 527 6.46 2.68 -14.50
C LYS A 527 7.96 2.89 -14.24
N PHE A 528 8.41 2.55 -13.03
CA PHE A 528 9.82 2.62 -12.70
C PHE A 528 10.63 1.61 -13.52
N ARG A 529 10.01 0.47 -13.84
CA ARG A 529 10.64 -0.51 -14.70
C ARG A 529 10.88 0.09 -16.07
N GLU A 530 9.82 0.64 -16.65
CA GLU A 530 9.88 1.29 -17.95
C GLU A 530 10.96 2.36 -17.98
N GLN A 531 11.01 3.17 -16.92
CA GLN A 531 11.97 4.26 -16.86
C GLN A 531 13.41 3.79 -16.70
N PHE A 532 13.62 2.76 -15.87
CA PHE A 532 14.94 2.19 -15.67
C PHE A 532 15.46 1.60 -16.98
N LYS A 533 14.60 0.87 -17.66
CA LYS A 533 14.94 0.26 -18.94
C LYS A 533 15.23 1.33 -20.00
N ALA A 534 14.45 2.41 -19.97
CA ALA A 534 14.60 3.47 -20.95
C ALA A 534 15.89 4.25 -20.79
N ALA A 535 16.41 4.30 -19.56
CA ALA A 535 17.59 5.09 -19.25
C ALA A 535 18.87 4.56 -19.91
N PHE A 536 18.77 3.40 -20.53
CA PHE A 536 19.91 2.79 -21.22
C PHE A 536 19.56 2.43 -22.64
#